data_6UAO
#
_entry.id   6UAO
#
_cell.length_a   58.510
_cell.length_b   58.510
_cell.length_c   125.090
_cell.angle_alpha   90.000
_cell.angle_beta   90.000
_cell.angle_gamma   90.000
#
_symmetry.space_group_name_H-M   'P 41 21 2'
#
loop_
_entity.id
_entity.type
_entity.pdbx_description
1 polymer "SUBTILISIN BPN'"
2 polymer 'Peptide EEYSAM'
3 non-polymer 'SODIUM ION'
4 non-polymer 'CHLORIDE ION'
5 non-polymer 1,2-ETHANEDIOL
6 water water
#
loop_
_entity_poly.entity_id
_entity_poly.type
_entity_poly.pdbx_seq_one_letter_code
_entity_poly.pdbx_strand_id
1 'polypeptide(L)'
;AKCVSYGVAQIKAPALHSQGYTGSNVKVAILDTGIDSSHPDLNVAGGASFVPSETNPFQDNSSGGTHIAGTVLAVAPSAS
LYAVKVLGADGKGQASWIINGIEWAIANNMDVINMSLGSPSGSAAVKAAVDKAVASGVVVVAAAGNSGTSGSSSTVTYPA
KYPSVIAVGAVDSSNQRAPFSSVGPELDVMAPGVSICSTLPGGKYGALSGTSMASPHVAGAAALILSKHPNWTNTQVRSS
LENTATKLGDSFYYGKGLINVEAAAQ
;
S
2 'polypeptide(L)' EEYSAM B
#
loop_
_chem_comp.id
_chem_comp.type
_chem_comp.name
_chem_comp.formula
CL non-polymer 'CHLORIDE ION' 'Cl -1'
EDO non-polymer 1,2-ETHANEDIOL 'C2 H6 O2'
NA non-polymer 'SODIUM ION' 'Na 1'
#
# COMPACT_ATOMS: atom_id res chain seq x y z
N ALA A 1 -15.40 -5.22 -6.03
CA ALA A 1 -15.56 -3.78 -5.72
C ALA A 1 -16.72 -3.23 -6.56
N LYS A 2 -17.46 -2.27 -6.00
CA LYS A 2 -18.63 -1.68 -6.69
C LYS A 2 -18.16 -0.61 -7.67
N CYS A 3 -17.06 0.12 -7.43
CA CYS A 3 -16.55 1.08 -8.45
C CYS A 3 -15.57 0.35 -9.38
N VAL A 4 -15.83 0.40 -10.68
CA VAL A 4 -14.94 -0.27 -11.67
CA VAL A 4 -14.98 -0.19 -11.75
C VAL A 4 -13.64 0.55 -11.74
N SER A 5 -12.53 -0.18 -11.79
CA SER A 5 -11.20 0.44 -11.97
C SER A 5 -10.38 -0.42 -12.91
N TYR A 6 -9.75 0.23 -13.89
CA TYR A 6 -8.80 -0.39 -14.83
C TYR A 6 -7.63 -1.08 -14.08
N GLY A 7 -7.33 -0.64 -12.86
CA GLY A 7 -6.05 -1.03 -12.22
C GLY A 7 -5.99 -2.52 -11.92
N VAL A 8 -7.11 -3.12 -11.58
CA VAL A 8 -7.15 -4.56 -11.22
C VAL A 8 -6.75 -5.44 -12.44
N ALA A 9 -7.29 -5.18 -13.61
CA ALA A 9 -6.93 -5.91 -14.84
C ALA A 9 -5.47 -5.63 -15.17
N GLN A 10 -5.05 -4.37 -14.98
CA GLN A 10 -3.71 -3.93 -15.40
C GLN A 10 -2.62 -4.77 -14.71
N ILE A 11 -2.81 -5.16 -13.46
CA ILE A 11 -1.80 -5.96 -12.71
C ILE A 11 -2.06 -7.46 -12.89
N LYS A 12 -3.07 -7.83 -13.69
CA LYS A 12 -3.37 -9.25 -14.05
C LYS A 12 -3.93 -9.97 -12.82
N ALA A 13 -4.59 -9.26 -11.90
CA ALA A 13 -5.32 -9.88 -10.79
C ALA A 13 -6.47 -10.79 -11.30
N PRO A 14 -7.25 -10.46 -12.37
CA PRO A 14 -8.38 -11.32 -12.78
C PRO A 14 -7.94 -12.75 -13.08
N ALA A 15 -6.74 -12.92 -13.64
CA ALA A 15 -6.18 -14.26 -13.95
C ALA A 15 -6.12 -15.09 -12.66
N LEU A 16 -5.68 -14.48 -11.55
CA LEU A 16 -5.60 -15.21 -10.26
C LEU A 16 -7.00 -15.46 -9.72
N HIS A 17 -7.90 -14.48 -9.80
CA HIS A 17 -9.30 -14.65 -9.36
C HIS A 17 -9.88 -15.85 -10.10
N SER A 18 -9.61 -15.96 -11.40
CA SER A 18 -10.15 -17.07 -12.26
C SER A 18 -9.58 -18.41 -11.81
N GLN A 19 -8.34 -18.43 -11.35
CA GLN A 19 -7.68 -19.65 -10.81
C GLN A 19 -8.29 -19.99 -9.45
N GLY A 20 -9.04 -19.07 -8.82
CA GLY A 20 -9.68 -19.28 -7.50
C GLY A 20 -8.95 -18.59 -6.34
N TYR A 21 -8.05 -17.64 -6.62
CA TYR A 21 -7.23 -17.02 -5.56
C TYR A 21 -7.72 -15.59 -5.36
N THR A 22 -8.13 -15.28 -4.13
CA THR A 22 -8.67 -13.96 -3.77
C THR A 22 -8.04 -13.43 -2.49
N GLY A 23 -6.96 -14.01 -2.00
CA GLY A 23 -6.29 -13.49 -0.79
C GLY A 23 -6.99 -13.93 0.50
N SER A 24 -7.61 -15.10 0.48
CA SER A 24 -8.19 -15.74 1.68
C SER A 24 -7.14 -15.93 2.78
N ASN A 25 -7.52 -15.62 4.02
CA ASN A 25 -6.73 -15.84 5.24
C ASN A 25 -5.44 -15.03 5.21
N VAL A 26 -5.56 -13.78 4.78
CA VAL A 26 -4.40 -12.87 4.77
C VAL A 26 -4.81 -11.60 5.50
N LYS A 27 -4.05 -11.23 6.52
CA LYS A 27 -4.32 -10.02 7.33
CA LYS A 27 -4.31 -10.03 7.34
C LYS A 27 -3.51 -8.84 6.79
N VAL A 28 -4.23 -7.78 6.36
CA VAL A 28 -3.61 -6.58 5.74
C VAL A 28 -3.96 -5.36 6.62
N ALA A 29 -2.92 -4.77 7.20
CA ALA A 29 -3.08 -3.56 8.01
C ALA A 29 -2.95 -2.33 7.12
N ILE A 30 -3.95 -1.49 7.15
CA ILE A 30 -3.96 -0.21 6.42
C ILE A 30 -3.56 0.87 7.42
N LEU A 31 -2.31 1.33 7.35
CA LEU A 31 -1.84 2.38 8.31
C LEU A 31 -2.07 3.71 7.63
N ASP A 32 -3.16 4.37 8.01
CA ASP A 32 -3.67 5.52 7.22
C ASP A 32 -4.61 6.33 8.12
N THR A 33 -5.58 6.96 7.48
CA THR A 33 -6.50 7.92 8.14
C THR A 33 -7.70 7.20 8.77
N GLY A 34 -7.72 5.86 8.78
CA GLY A 34 -8.88 5.08 9.21
C GLY A 34 -9.49 4.35 8.04
N ILE A 35 -10.50 3.55 8.30
CA ILE A 35 -11.35 2.95 7.24
C ILE A 35 -12.79 3.21 7.64
N ASP A 36 -13.58 3.83 6.79
CA ASP A 36 -15.02 4.04 7.14
C ASP A 36 -15.72 2.68 7.13
N SER A 37 -15.73 1.93 8.23
CA SER A 37 -16.24 0.53 8.31
CA SER A 37 -16.23 0.53 8.19
C SER A 37 -17.75 0.48 8.06
N SER A 38 -18.41 1.64 8.09
CA SER A 38 -19.84 1.69 7.78
C SER A 38 -20.08 1.51 6.27
N HIS A 39 -19.06 1.72 5.39
CA HIS A 39 -19.18 1.39 3.96
C HIS A 39 -19.81 0.00 3.86
N PRO A 40 -20.94 -0.14 3.10
CA PRO A 40 -21.54 -1.45 2.83
C PRO A 40 -20.56 -2.42 2.15
N ASP A 41 -19.53 -1.91 1.45
CA ASP A 41 -18.62 -2.72 0.61
C ASP A 41 -17.35 -3.13 1.36
N LEU A 42 -17.12 -2.66 2.59
CA LEU A 42 -15.86 -3.00 3.32
C LEU A 42 -16.21 -3.73 4.60
N ASN A 43 -15.51 -4.83 4.86
CA ASN A 43 -15.54 -5.56 6.14
C ASN A 43 -14.16 -5.31 6.77
N VAL A 44 -14.17 -4.72 7.93
CA VAL A 44 -12.91 -4.45 8.64
C VAL A 44 -12.89 -5.40 9.83
N ALA A 45 -11.83 -6.14 9.98
CA ALA A 45 -11.75 -7.24 10.99
C ALA A 45 -11.27 -6.72 12.35
N GLY A 46 -10.66 -5.54 12.40
CA GLY A 46 -10.19 -5.00 13.67
C GLY A 46 -9.37 -3.75 13.40
N GLY A 47 -8.72 -3.23 14.42
CA GLY A 47 -8.00 -1.96 14.25
C GLY A 47 -7.71 -1.24 15.54
N ALA A 48 -7.13 -0.06 15.37
CA ALA A 48 -6.65 0.77 16.48
C ALA A 48 -6.39 2.17 15.96
N SER A 49 -6.65 3.19 16.79
CA SER A 49 -6.22 4.55 16.45
C SER A 49 -5.05 4.94 17.37
N PHE A 50 -4.05 5.58 16.78
CA PHE A 50 -2.89 6.14 17.52
C PHE A 50 -2.86 7.65 17.31
N VAL A 51 -3.94 8.25 16.83
CA VAL A 51 -4.04 9.72 16.61
C VAL A 51 -4.84 10.27 17.79
N PRO A 52 -4.23 10.92 18.79
CA PRO A 52 -4.97 11.22 20.03
C PRO A 52 -6.18 12.12 19.82
N SER A 53 -6.18 12.95 18.79
CA SER A 53 -7.30 13.87 18.52
C SER A 53 -8.40 13.18 17.71
N GLU A 54 -8.17 11.96 17.25
CA GLU A 54 -9.11 11.24 16.34
C GLU A 54 -9.17 9.77 16.75
N THR A 55 -9.99 9.46 17.75
CA THR A 55 -9.85 8.21 18.51
C THR A 55 -10.54 7.00 17.86
N ASN A 56 -11.16 7.15 16.71
CA ASN A 56 -11.96 6.05 16.11
C ASN A 56 -11.30 5.64 14.81
N PRO A 57 -10.69 4.45 14.75
CA PRO A 57 -10.07 3.99 13.49
C PRO A 57 -11.08 3.54 12.42
N PHE A 58 -12.34 3.34 12.84
CA PHE A 58 -13.42 2.85 11.97
C PHE A 58 -14.23 4.00 11.38
N GLN A 59 -13.74 5.23 11.55
CA GLN A 59 -14.18 6.39 10.74
C GLN A 59 -12.98 6.95 10.02
N ASP A 60 -13.26 7.69 8.97
CA ASP A 60 -12.20 8.28 8.13
C ASP A 60 -12.65 9.66 7.73
N ASN A 61 -12.05 10.67 8.35
CA ASN A 61 -12.39 12.10 8.10
C ASN A 61 -11.48 12.70 7.01
N SER A 62 -10.65 11.89 6.35
CA SER A 62 -9.72 12.36 5.29
C SER A 62 -10.22 11.85 3.94
N SER A 63 -10.36 10.53 3.80
CA SER A 63 -10.91 9.73 2.67
C SER A 63 -9.85 8.72 2.15
N GLY A 64 -8.56 9.01 2.32
CA GLY A 64 -7.50 8.14 1.79
C GLY A 64 -7.59 6.71 2.28
N GLY A 65 -7.68 6.51 3.59
CA GLY A 65 -7.64 5.16 4.14
C GLY A 65 -8.77 4.30 3.61
N THR A 66 -9.97 4.87 3.49
CA THR A 66 -11.14 4.12 2.96
C THR A 66 -10.92 3.72 1.51
N HIS A 67 -10.38 4.66 0.73
CA HIS A 67 -10.10 4.44 -0.71
C HIS A 67 -9.10 3.28 -0.89
N ILE A 68 -8.03 3.36 -0.14
CA ILE A 68 -6.93 2.38 -0.16
C ILE A 68 -7.44 1.02 0.28
N ALA A 69 -8.24 0.96 1.35
CA ALA A 69 -8.89 -0.28 1.82
C ALA A 69 -9.66 -0.90 0.65
N GLY A 70 -10.45 -0.09 -0.08
CA GLY A 70 -11.21 -0.59 -1.22
C GLY A 70 -10.32 -1.15 -2.32
N THR A 71 -9.19 -0.51 -2.59
CA THR A 71 -8.25 -1.01 -3.63
C THR A 71 -7.69 -2.36 -3.17
N VAL A 72 -7.29 -2.49 -1.93
CA VAL A 72 -6.77 -3.80 -1.47
C VAL A 72 -7.81 -4.89 -1.75
N LEU A 73 -9.07 -4.63 -1.39
CA LEU A 73 -10.13 -5.63 -1.62
C LEU A 73 -10.47 -5.78 -3.10
N ALA A 74 -10.36 -4.73 -3.92
CA ALA A 74 -10.61 -4.89 -5.37
C ALA A 74 -9.61 -5.91 -5.94
N VAL A 75 -8.30 -5.85 -5.39
CA VAL A 75 -7.28 -6.79 -5.88
C VAL A 75 -7.44 -8.16 -5.16
N ALA A 76 -7.78 -8.16 -3.88
CA ALA A 76 -7.80 -9.36 -3.00
C ALA A 76 -9.09 -9.36 -2.24
N PRO A 77 -10.19 -9.76 -2.92
CA PRO A 77 -11.51 -9.62 -2.33
C PRO A 77 -11.72 -10.35 -0.99
N SER A 78 -10.89 -11.32 -0.67
CA SER A 78 -11.02 -12.14 0.57
C SER A 78 -10.05 -11.70 1.66
N ALA A 79 -9.21 -10.69 1.41
CA ALA A 79 -8.25 -10.23 2.44
C ALA A 79 -9.02 -9.70 3.65
N SER A 80 -8.43 -9.85 4.84
CA SER A 80 -8.94 -9.30 6.11
C SER A 80 -8.32 -7.95 6.38
N LEU A 81 -9.13 -6.89 6.42
CA LEU A 81 -8.54 -5.54 6.57
C LEU A 81 -8.50 -5.12 8.03
N TYR A 82 -7.45 -4.38 8.37
CA TYR A 82 -7.32 -3.81 9.73
C TYR A 82 -7.10 -2.32 9.59
N ALA A 83 -7.90 -1.52 10.29
CA ALA A 83 -7.84 -0.07 10.21
C ALA A 83 -6.91 0.44 11.29
N VAL A 84 -5.74 0.94 10.91
CA VAL A 84 -4.73 1.41 11.88
C VAL A 84 -4.52 2.89 11.61
N LYS A 85 -5.14 3.72 12.45
CA LYS A 85 -5.17 5.16 12.20
C LYS A 85 -3.86 5.75 12.72
N VAL A 86 -3.02 6.20 11.80
CA VAL A 86 -1.74 6.85 12.14
C VAL A 86 -1.64 8.24 11.49
N LEU A 87 -2.66 8.64 10.73
CA LEU A 87 -2.74 9.96 10.09
C LEU A 87 -4.08 10.56 10.45
N GLY A 88 -4.09 11.88 10.67
CA GLY A 88 -5.35 12.57 10.94
C GLY A 88 -6.09 13.03 9.70
N ALA A 89 -7.16 13.78 9.89
CA ALA A 89 -8.15 14.13 8.87
C ALA A 89 -7.48 14.94 7.75
N ASP A 90 -6.39 15.61 8.05
CA ASP A 90 -5.59 16.40 7.09
C ASP A 90 -4.56 15.51 6.40
N GLY A 91 -4.61 14.19 6.62
CA GLY A 91 -3.67 13.26 6.00
C GLY A 91 -2.28 13.36 6.58
N LYS A 92 -2.08 13.98 7.75
CA LYS A 92 -0.74 14.18 8.32
C LYS A 92 -0.59 13.39 9.61
N GLY A 93 0.64 13.02 9.90
CA GLY A 93 0.93 12.23 11.10
C GLY A 93 2.35 12.43 11.59
N GLN A 94 2.58 12.01 12.84
CA GLN A 94 3.88 12.03 13.56
C GLN A 94 4.54 10.67 13.45
N ALA A 95 5.86 10.65 13.48
CA ALA A 95 6.63 9.40 13.45
C ALA A 95 6.14 8.45 14.53
N SER A 96 5.90 8.96 15.73
CA SER A 96 5.58 8.06 16.87
C SER A 96 4.27 7.29 16.59
N TRP A 97 3.27 7.94 15.99
CA TRP A 97 1.95 7.32 15.73
C TRP A 97 2.17 6.18 14.74
N ILE A 98 3.01 6.46 13.75
CA ILE A 98 3.33 5.44 12.72
C ILE A 98 4.02 4.25 13.39
N ILE A 99 5.01 4.51 14.25
CA ILE A 99 5.68 3.42 14.98
C ILE A 99 4.67 2.63 15.79
N ASN A 100 3.82 3.32 16.52
CA ASN A 100 2.79 2.59 17.31
C ASN A 100 1.93 1.69 16.40
N GLY A 101 1.56 2.18 15.22
CA GLY A 101 0.78 1.36 14.26
C GLY A 101 1.57 0.16 13.78
N ILE A 102 2.86 0.33 13.47
CA ILE A 102 3.71 -0.81 13.04
C ILE A 102 3.79 -1.81 14.19
N GLU A 103 4.00 -1.34 15.40
CA GLU A 103 4.14 -2.27 16.56
CA GLU A 103 4.13 -2.25 16.57
C GLU A 103 2.82 -3.02 16.79
N TRP A 104 1.69 -2.37 16.64
CA TRP A 104 0.35 -3.00 16.77
C TRP A 104 0.25 -4.10 15.71
N ALA A 105 0.67 -3.79 14.47
CA ALA A 105 0.61 -4.77 13.36
C ALA A 105 1.47 -6.00 13.68
N ILE A 106 2.65 -5.83 14.27
CA ILE A 106 3.48 -6.98 14.67
C ILE A 106 2.75 -7.75 15.79
N ALA A 107 2.30 -7.04 16.82
CA ALA A 107 1.65 -7.70 17.98
C ALA A 107 0.40 -8.49 17.54
N ASN A 108 -0.26 -8.05 16.47
CA ASN A 108 -1.53 -8.64 16.00
C ASN A 108 -1.31 -9.52 14.76
N ASN A 109 -0.06 -9.89 14.46
CA ASN A 109 0.25 -10.97 13.50
C ASN A 109 -0.26 -10.58 12.10
N MET A 110 -0.13 -9.32 11.73
CA MET A 110 -0.47 -8.92 10.35
C MET A 110 0.47 -9.63 9.35
N ASP A 111 -0.04 -9.95 8.16
CA ASP A 111 0.77 -10.54 7.08
C ASP A 111 1.40 -9.44 6.22
N VAL A 112 0.66 -8.36 6.05
CA VAL A 112 1.03 -7.25 5.14
C VAL A 112 0.72 -5.94 5.88
N ILE A 113 1.60 -4.98 5.71
CA ILE A 113 1.37 -3.57 6.11
C ILE A 113 1.37 -2.73 4.82
N ASN A 114 0.39 -1.86 4.69
CA ASN A 114 0.39 -0.81 3.65
C ASN A 114 0.56 0.56 4.32
N MET A 115 1.54 1.33 3.87
CA MET A 115 1.76 2.72 4.35
C MET A 115 1.76 3.68 3.13
N SER A 116 0.57 4.19 2.80
CA SER A 116 0.40 5.17 1.69
C SER A 116 0.72 6.57 2.21
N LEU A 117 1.96 6.79 2.64
CA LEU A 117 2.36 7.99 3.40
C LEU A 117 3.85 8.17 3.26
N GLY A 118 4.31 9.39 3.45
CA GLY A 118 5.74 9.62 3.35
C GLY A 118 6.12 10.94 3.94
N SER A 119 7.37 11.00 4.35
CA SER A 119 8.07 12.22 4.80
CA SER A 119 8.04 12.25 4.77
C SER A 119 9.32 12.40 3.96
N PRO A 120 9.76 13.64 3.70
CA PRO A 120 10.98 13.81 2.90
C PRO A 120 12.23 13.42 3.67
N SER A 121 12.21 13.43 5.00
CA SER A 121 13.46 13.20 5.78
CA SER A 121 13.45 13.20 5.79
C SER A 121 13.40 11.90 6.60
N GLY A 122 12.24 11.42 6.97
CA GLY A 122 12.26 10.09 7.62
C GLY A 122 12.74 10.16 9.07
N SER A 123 12.75 9.01 9.71
CA SER A 123 12.93 8.84 11.16
C SER A 123 13.72 7.56 11.42
N ALA A 124 14.78 7.66 12.21
CA ALA A 124 15.60 6.51 12.61
C ALA A 124 14.72 5.55 13.42
N ALA A 125 13.78 6.06 14.19
CA ALA A 125 12.89 5.23 15.03
C ALA A 125 11.89 4.50 14.13
N VAL A 126 11.39 5.15 13.08
CA VAL A 126 10.50 4.48 12.11
C VAL A 126 11.33 3.39 11.41
N LYS A 127 12.56 3.68 11.05
CA LYS A 127 13.39 2.71 10.33
C LYS A 127 13.51 1.43 11.19
N ALA A 128 13.81 1.59 12.47
CA ALA A 128 13.95 0.45 13.40
C ALA A 128 12.66 -0.36 13.46
N ALA A 129 11.51 0.33 13.47
CA ALA A 129 10.19 -0.32 13.54
C ALA A 129 9.90 -1.12 12.27
N VAL A 130 10.07 -0.52 11.09
CA VAL A 130 9.79 -1.24 9.82
C VAL A 130 10.78 -2.38 9.66
N ASP A 131 12.02 -2.20 10.04
CA ASP A 131 13.02 -3.26 9.89
C ASP A 131 12.62 -4.42 10.80
N LYS A 132 12.14 -4.13 12.01
CA LYS A 132 11.67 -5.15 12.98
C LYS A 132 10.47 -5.89 12.37
N ALA A 133 9.54 -5.14 11.76
CA ALA A 133 8.36 -5.75 11.12
C ALA A 133 8.80 -6.74 10.04
N VAL A 134 9.73 -6.33 9.20
CA VAL A 134 10.22 -7.17 8.08
C VAL A 134 10.96 -8.38 8.65
N ALA A 135 11.76 -8.20 9.69
CA ALA A 135 12.48 -9.31 10.33
C ALA A 135 11.49 -10.31 10.93
N SER A 136 10.31 -9.86 11.39
CA SER A 136 9.26 -10.71 12.00
CA SER A 136 9.26 -10.70 12.00
C SER A 136 8.45 -11.43 10.93
N GLY A 137 8.63 -11.05 9.65
CA GLY A 137 7.99 -11.75 8.53
C GLY A 137 6.88 -10.99 7.84
N VAL A 138 6.66 -9.71 8.19
CA VAL A 138 5.59 -8.88 7.57
C VAL A 138 6.06 -8.39 6.20
N VAL A 139 5.17 -8.46 5.21
CA VAL A 139 5.38 -7.79 3.91
C VAL A 139 5.06 -6.32 4.10
N VAL A 140 6.05 -5.45 3.99
CA VAL A 140 5.79 -4.01 4.25
C VAL A 140 5.88 -3.26 2.92
N VAL A 141 4.78 -2.62 2.55
CA VAL A 141 4.62 -1.92 1.26
C VAL A 141 4.33 -0.45 1.55
N ALA A 142 4.95 0.42 0.79
CA ALA A 142 4.71 1.86 0.98
C ALA A 142 4.62 2.56 -0.37
N ALA A 143 3.87 3.66 -0.38
CA ALA A 143 3.87 4.59 -1.52
C ALA A 143 5.29 5.16 -1.67
N ALA A 144 5.79 5.26 -2.89
CA ALA A 144 7.16 5.75 -3.15
C ALA A 144 7.22 7.26 -2.90
N GLY A 145 6.08 7.95 -2.90
CA GLY A 145 6.06 9.41 -2.76
C GLY A 145 5.56 10.10 -4.00
N ASN A 146 5.03 11.30 -3.80
CA ASN A 146 4.44 12.12 -4.89
C ASN A 146 5.30 13.37 -5.16
N SER A 147 6.62 13.22 -5.10
CA SER A 147 7.56 14.37 -5.14
C SER A 147 8.22 14.45 -6.51
N GLY A 148 7.61 13.83 -7.52
CA GLY A 148 8.08 14.00 -8.90
C GLY A 148 9.55 13.71 -9.02
N THR A 149 10.26 14.57 -9.74
CA THR A 149 11.69 14.35 -10.01
C THR A 149 12.50 15.53 -9.45
N SER A 150 13.80 15.32 -9.33
CA SER A 150 14.75 16.32 -8.82
C SER A 150 16.12 16.07 -9.47
N GLY A 151 16.15 16.07 -10.80
CA GLY A 151 17.39 15.84 -11.55
C GLY A 151 17.86 14.43 -11.31
N SER A 152 19.11 14.27 -10.86
CA SER A 152 19.67 12.94 -10.54
C SER A 152 19.38 12.53 -9.08
N SER A 153 18.71 13.35 -8.29
CA SER A 153 18.45 13.05 -6.87
C SER A 153 17.28 12.06 -6.76
N SER A 154 17.37 11.15 -5.79
CA SER A 154 16.18 10.36 -5.39
C SER A 154 15.14 11.30 -4.79
N THR A 155 13.87 11.06 -5.09
CA THR A 155 12.75 11.78 -4.45
C THR A 155 11.85 10.80 -3.71
N VAL A 156 12.27 9.53 -3.56
CA VAL A 156 11.48 8.55 -2.83
C VAL A 156 11.34 9.05 -1.40
N THR A 157 10.13 9.00 -0.87
CA THR A 157 9.88 9.42 0.53
C THR A 157 10.17 8.27 1.49
N TYR A 158 10.25 8.63 2.75
CA TYR A 158 10.42 7.69 3.89
C TYR A 158 9.02 7.38 4.39
N PRO A 159 8.66 6.11 4.70
CA PRO A 159 9.64 5.01 4.83
C PRO A 159 9.92 4.16 3.57
N ALA A 160 9.33 4.52 2.41
CA ALA A 160 9.52 3.74 1.17
C ALA A 160 11.02 3.61 0.89
N LYS A 161 11.79 4.66 1.19
CA LYS A 161 13.20 4.77 0.79
C LYS A 161 14.03 3.70 1.50
N TYR A 162 13.55 3.12 2.58
CA TYR A 162 14.38 2.14 3.33
C TYR A 162 14.43 0.82 2.59
N PRO A 163 15.60 0.13 2.52
CA PRO A 163 15.69 -1.13 1.78
C PRO A 163 14.67 -2.20 2.19
N SER A 164 14.27 -2.24 3.45
CA SER A 164 13.37 -3.29 3.98
C SER A 164 11.95 -3.12 3.44
N VAL A 165 11.61 -1.95 2.94
CA VAL A 165 10.22 -1.60 2.54
C VAL A 165 10.13 -1.63 1.03
N ILE A 166 9.04 -2.19 0.49
CA ILE A 166 8.77 -2.17 -0.96
C ILE A 166 8.27 -0.78 -1.33
N ALA A 167 9.03 -0.07 -2.16
CA ALA A 167 8.67 1.28 -2.63
C ALA A 167 7.90 1.17 -3.94
N VAL A 168 6.65 1.64 -3.95
CA VAL A 168 5.73 1.48 -5.11
C VAL A 168 5.47 2.85 -5.75
N GLY A 169 5.91 2.98 -7.00
CA GLY A 169 5.55 4.12 -7.82
C GLY A 169 4.25 3.94 -8.55
N ALA A 170 3.82 5.01 -9.21
CA ALA A 170 2.50 5.06 -9.87
C ALA A 170 2.66 5.19 -11.40
N VAL A 171 1.98 4.32 -12.12
CA VAL A 171 1.74 4.50 -13.58
C VAL A 171 0.27 4.84 -13.80
N ASP A 172 0.00 5.41 -14.97
CA ASP A 172 -1.38 5.64 -15.42
C ASP A 172 -1.84 4.39 -16.21
N SER A 173 -3.02 4.47 -16.84
CA SER A 173 -3.63 3.31 -17.54
C SER A 173 -2.83 2.99 -18.80
N SER A 174 -1.91 3.88 -19.22
CA SER A 174 -1.04 3.62 -20.39
C SER A 174 0.35 3.12 -19.98
N ASN A 175 0.52 2.76 -18.72
CA ASN A 175 1.84 2.29 -18.17
C ASN A 175 2.93 3.35 -18.31
N GLN A 176 2.55 4.62 -18.29
CA GLN A 176 3.51 5.75 -18.24
C GLN A 176 3.63 6.18 -16.80
N ARG A 177 4.85 6.52 -16.38
CA ARG A 177 5.04 7.00 -15.00
C ARG A 177 4.20 8.27 -14.81
N ALA A 178 3.37 8.32 -13.76
CA ALA A 178 2.62 9.54 -13.44
C ALA A 178 3.60 10.65 -13.14
N PRO A 179 3.35 11.91 -13.60
CA PRO A 179 4.29 13.01 -13.37
C PRO A 179 4.66 13.23 -11.90
N PHE A 180 3.75 12.89 -10.98
CA PHE A 180 3.98 13.09 -9.53
C PHE A 180 4.78 11.93 -8.92
N SER A 181 4.94 10.79 -9.62
CA SER A 181 5.48 9.58 -8.95
C SER A 181 6.96 9.79 -8.62
N SER A 182 7.36 9.59 -7.36
CA SER A 182 8.77 9.74 -6.96
C SER A 182 9.67 8.74 -7.71
N VAL A 183 10.95 9.08 -7.75
CA VAL A 183 11.96 8.39 -8.59
C VAL A 183 13.23 8.20 -7.75
N GLY A 184 14.03 7.24 -8.16
CA GLY A 184 15.32 7.01 -7.50
C GLY A 184 15.62 5.53 -7.51
N PRO A 185 16.85 5.16 -7.13
CA PRO A 185 17.24 3.75 -7.21
C PRO A 185 16.50 2.89 -6.17
N GLU A 186 15.86 3.54 -5.17
CA GLU A 186 15.04 2.88 -4.14
C GLU A 186 13.67 2.46 -4.67
N LEU A 187 13.25 3.00 -5.82
CA LEU A 187 11.95 2.60 -6.38
C LEU A 187 12.03 1.10 -6.71
N ASP A 188 11.03 0.32 -6.36
CA ASP A 188 11.06 -1.15 -6.53
CA ASP A 188 11.01 -1.15 -6.49
C ASP A 188 10.13 -1.57 -7.67
N VAL A 189 8.84 -1.21 -7.60
CA VAL A 189 7.88 -1.66 -8.61
C VAL A 189 6.90 -0.51 -8.81
N MET A 190 6.12 -0.64 -9.88
CA MET A 190 5.04 0.31 -10.21
C MET A 190 3.71 -0.41 -10.12
N ALA A 191 2.68 0.38 -9.87
CA ALA A 191 1.31 -0.11 -9.98
C ALA A 191 0.41 1.04 -10.40
N PRO A 192 -0.84 0.75 -10.81
CA PRO A 192 -1.76 1.81 -11.23
C PRO A 192 -2.05 2.80 -10.10
N GLY A 193 -1.90 4.08 -10.40
CA GLY A 193 -2.12 5.11 -9.38
C GLY A 193 -2.73 6.39 -9.91
N VAL A 194 -3.26 6.41 -11.11
CA VAL A 194 -3.91 7.62 -11.67
C VAL A 194 -5.41 7.40 -11.83
N SER A 195 -6.21 8.27 -11.20
CA SER A 195 -7.69 8.28 -11.31
CA SER A 195 -7.68 8.28 -11.34
C SER A 195 -8.23 6.87 -11.05
N ILE A 196 -7.86 6.31 -9.91
CA ILE A 196 -8.31 4.99 -9.41
C ILE A 196 -9.64 5.20 -8.69
N CYS A 197 -10.70 4.54 -9.16
CA CYS A 197 -12.01 4.66 -8.50
C CYS A 197 -12.07 3.64 -7.36
N SER A 198 -12.42 4.10 -6.17
CA SER A 198 -12.57 3.21 -5.00
C SER A 198 -13.53 3.85 -4.00
N THR A 199 -13.71 3.16 -2.90
CA THR A 199 -14.62 3.55 -1.80
C THR A 199 -14.17 4.85 -1.15
N LEU A 200 -15.12 5.73 -0.83
CA LEU A 200 -14.90 6.96 -0.06
C LEU A 200 -15.80 6.97 1.17
N PRO A 201 -15.49 7.76 2.19
CA PRO A 201 -16.37 7.85 3.36
C PRO A 201 -17.79 8.33 3.01
N GLY A 202 -18.71 8.04 3.93
CA GLY A 202 -20.13 8.39 3.77
C GLY A 202 -20.77 7.61 2.66
N GLY A 203 -20.34 6.37 2.43
CA GLY A 203 -20.91 5.40 1.49
C GLY A 203 -20.72 5.84 0.04
N LYS A 204 -19.70 6.66 -0.21
CA LYS A 204 -19.47 7.25 -1.56
C LYS A 204 -18.39 6.47 -2.31
N TYR A 205 -18.14 6.87 -3.55
CA TYR A 205 -17.06 6.28 -4.37
C TYR A 205 -16.46 7.43 -5.18
N GLY A 206 -15.23 7.25 -5.63
CA GLY A 206 -14.64 8.28 -6.50
C GLY A 206 -13.19 8.01 -6.77
N ALA A 207 -12.69 8.74 -7.75
CA ALA A 207 -11.30 8.60 -8.24
C ALA A 207 -10.36 9.42 -7.38
N LEU A 208 -9.21 8.86 -7.08
CA LEU A 208 -8.07 9.58 -6.48
C LEU A 208 -6.82 9.15 -7.22
N SER A 209 -5.83 10.04 -7.16
CA SER A 209 -4.50 9.79 -7.78
C SER A 209 -3.43 9.87 -6.71
N GLY A 210 -2.39 9.08 -6.89
CA GLY A 210 -1.21 9.15 -6.02
C GLY A 210 -0.46 7.84 -5.97
N THR A 211 0.79 7.86 -5.51
CA THR A 211 1.49 6.60 -5.16
C THR A 211 0.72 5.92 -4.00
N SER A 212 -0.12 6.69 -3.30
CA SER A 212 -1.04 6.17 -2.26
C SER A 212 -2.03 5.15 -2.84
N MET A 213 -2.43 5.30 -4.09
CA MET A 213 -3.35 4.38 -4.80
C MET A 213 -2.57 3.21 -5.39
N ALA A 214 -1.29 3.41 -5.72
CA ALA A 214 -0.44 2.37 -6.32
C ALA A 214 -0.06 1.34 -5.26
N SER A 215 0.30 1.78 -4.06
CA SER A 215 0.75 0.91 -2.96
C SER A 215 -0.26 -0.21 -2.65
N PRO A 216 -1.57 0.06 -2.44
CA PRO A 216 -2.53 -1.00 -2.12
C PRO A 216 -2.73 -2.02 -3.24
N HIS A 217 -2.47 -1.67 -4.51
CA HIS A 217 -2.46 -2.70 -5.58
C HIS A 217 -1.38 -3.75 -5.24
N VAL A 218 -0.24 -3.32 -4.74
CA VAL A 218 0.88 -4.22 -4.38
C VAL A 218 0.56 -4.92 -3.05
N ALA A 219 -0.01 -4.24 -2.05
CA ALA A 219 -0.43 -4.92 -0.79
C ALA A 219 -1.45 -6.02 -1.15
N GLY A 220 -2.44 -5.72 -2.00
CA GLY A 220 -3.43 -6.71 -2.46
C GLY A 220 -2.76 -7.83 -3.23
N ALA A 221 -1.80 -7.51 -4.10
CA ALA A 221 -1.07 -8.55 -4.86
C ALA A 221 -0.34 -9.48 -3.89
N ALA A 222 0.26 -8.95 -2.84
CA ALA A 222 0.93 -9.77 -1.82
C ALA A 222 -0.06 -10.73 -1.18
N ALA A 223 -1.29 -10.27 -0.92
CA ALA A 223 -2.36 -11.12 -0.35
C ALA A 223 -2.74 -12.22 -1.35
N LEU A 224 -2.89 -11.89 -2.62
CA LEU A 224 -3.17 -12.93 -3.65
C LEU A 224 -2.06 -13.96 -3.62
N ILE A 225 -0.81 -13.54 -3.63
CA ILE A 225 0.35 -14.45 -3.72
C ILE A 225 0.38 -15.34 -2.47
N LEU A 226 0.16 -14.78 -1.30
CA LEU A 226 0.15 -15.59 -0.07
C LEU A 226 -1.01 -16.58 -0.10
N SER A 227 -2.15 -16.23 -0.68
CA SER A 227 -3.26 -17.20 -0.78
C SER A 227 -2.84 -18.38 -1.68
N LYS A 228 -2.05 -18.19 -2.72
CA LYS A 228 -1.59 -19.32 -3.58
C LYS A 228 -0.37 -20.02 -2.96
N HIS A 229 0.40 -19.32 -2.12
CA HIS A 229 1.68 -19.79 -1.53
C HIS A 229 1.70 -19.36 -0.06
N PRO A 230 0.86 -19.94 0.82
CA PRO A 230 0.74 -19.46 2.20
C PRO A 230 2.02 -19.71 3.01
N ASN A 231 2.87 -20.59 2.51
CA ASN A 231 4.16 -20.96 3.16
C ASN A 231 5.28 -20.01 2.74
N TRP A 232 5.07 -19.13 1.75
CA TRP A 232 6.15 -18.22 1.31
C TRP A 232 6.44 -17.23 2.41
N THR A 233 7.70 -16.91 2.56
CA THR A 233 8.14 -15.81 3.42
C THR A 233 7.85 -14.48 2.74
N ASN A 234 7.90 -13.44 3.55
CA ASN A 234 7.89 -12.07 2.99
C ASN A 234 9.00 -11.92 1.95
N THR A 235 10.22 -12.44 2.17
CA THR A 235 11.33 -12.32 1.22
C THR A 235 10.89 -12.92 -0.12
N GLN A 236 10.24 -14.08 -0.06
CA GLN A 236 9.85 -14.80 -1.28
C GLN A 236 8.77 -14.01 -2.02
N VAL A 237 7.81 -13.48 -1.28
CA VAL A 237 6.69 -12.71 -1.89
C VAL A 237 7.31 -11.49 -2.58
N ARG A 238 8.16 -10.75 -1.88
CA ARG A 238 8.80 -9.55 -2.45
C ARG A 238 9.60 -9.93 -3.69
N SER A 239 10.44 -10.94 -3.59
CA SER A 239 11.28 -11.39 -4.74
C SER A 239 10.41 -11.70 -5.93
N SER A 240 9.29 -12.38 -5.72
CA SER A 240 8.38 -12.82 -6.81
CA SER A 240 8.44 -12.81 -6.84
C SER A 240 7.85 -11.58 -7.53
N LEU A 241 7.44 -10.58 -6.77
CA LEU A 241 6.85 -9.33 -7.35
C LEU A 241 7.91 -8.60 -8.15
N GLU A 242 9.13 -8.55 -7.64
CA GLU A 242 10.22 -7.78 -8.31
C GLU A 242 10.69 -8.54 -9.55
N ASN A 243 10.86 -9.86 -9.40
CA ASN A 243 11.51 -10.68 -10.46
C ASN A 243 10.57 -10.93 -11.63
N THR A 244 9.25 -10.78 -11.47
CA THR A 244 8.29 -11.08 -12.56
C THR A 244 7.63 -9.81 -13.09
N ALA A 245 8.02 -8.64 -12.60
CA ALA A 245 7.43 -7.37 -13.06
C ALA A 245 7.68 -7.20 -14.56
N THR A 246 6.76 -6.53 -15.21
CA THR A 246 6.88 -6.12 -16.63
C THR A 246 7.74 -4.86 -16.73
N LYS A 247 8.91 -4.96 -17.34
CA LYS A 247 9.84 -3.83 -17.49
C LYS A 247 9.21 -2.72 -18.32
N LEU A 248 9.33 -1.49 -17.82
CA LEU A 248 8.65 -0.32 -18.42
C LEU A 248 9.65 0.75 -18.85
N GLY A 249 10.92 0.57 -18.55
CA GLY A 249 11.94 1.57 -18.86
C GLY A 249 12.95 1.65 -17.77
N ASP A 250 13.68 2.76 -17.73
CA ASP A 250 14.81 2.94 -16.82
C ASP A 250 14.35 2.75 -15.38
N SER A 251 15.08 1.95 -14.63
CA SER A 251 14.70 1.60 -13.24
C SER A 251 14.68 2.85 -12.36
N PHE A 252 15.41 3.91 -12.69
CA PHE A 252 15.35 5.15 -11.87
C PHE A 252 13.93 5.70 -11.84
N TYR A 253 13.15 5.51 -12.93
CA TYR A 253 11.79 6.05 -13.11
C TYR A 253 10.74 5.00 -12.81
N TYR A 254 11.07 3.72 -13.03
CA TYR A 254 10.08 2.62 -13.11
C TYR A 254 10.42 1.44 -12.20
N GLY A 255 11.56 1.46 -11.52
CA GLY A 255 12.02 0.27 -10.78
C GLY A 255 12.05 -0.94 -11.71
N LYS A 256 11.61 -2.08 -11.21
CA LYS A 256 11.56 -3.33 -12.01
C LYS A 256 10.41 -3.29 -13.00
N GLY A 257 9.49 -2.36 -12.85
CA GLY A 257 8.37 -2.16 -13.76
C GLY A 257 7.04 -2.45 -13.11
N LEU A 258 6.03 -2.76 -13.91
CA LEU A 258 4.63 -2.95 -13.46
C LEU A 258 4.52 -4.33 -12.80
N ILE A 259 3.94 -4.42 -11.62
CA ILE A 259 3.69 -5.76 -11.04
C ILE A 259 2.76 -6.55 -11.97
N ASN A 260 3.02 -7.86 -12.03
CA ASN A 260 2.25 -8.88 -12.76
C ASN A 260 1.94 -9.99 -11.76
N VAL A 261 0.78 -9.92 -11.12
CA VAL A 261 0.51 -10.83 -9.98
C VAL A 261 0.28 -12.25 -10.49
N GLU A 262 -0.27 -12.39 -11.70
CA GLU A 262 -0.37 -13.72 -12.36
C GLU A 262 1.02 -14.37 -12.44
N ALA A 263 2.02 -13.67 -12.99
CA ALA A 263 3.40 -14.18 -13.09
C ALA A 263 4.00 -14.37 -11.69
N ALA A 264 3.77 -13.43 -10.77
CA ALA A 264 4.43 -13.46 -9.44
C ALA A 264 3.91 -14.65 -8.64
N ALA A 265 2.68 -15.07 -8.86
CA ALA A 265 2.06 -16.13 -8.05
C ALA A 265 2.47 -17.50 -8.55
N GLN A 266 3.22 -17.64 -9.65
CA GLN A 266 3.85 -18.95 -9.98
C GLN A 266 2.72 -19.98 -9.90
N GLU B 1 4.02 17.35 12.37
CA GLU B 1 3.55 16.17 11.58
C GLU B 1 4.18 16.24 10.18
N GLU B 2 5.31 15.58 10.00
CA GLU B 2 6.08 15.61 8.73
C GLU B 2 5.59 14.54 7.76
N TYR B 3 4.84 13.54 8.23
CA TYR B 3 4.34 12.49 7.33
C TYR B 3 3.04 12.95 6.71
N SER B 4 2.92 12.79 5.41
CA SER B 4 1.70 13.15 4.65
CA SER B 4 1.71 13.15 4.63
C SER B 4 1.18 11.95 3.84
N ALA B 5 -0.12 11.89 3.68
CA ALA B 5 -0.76 10.98 2.71
C ALA B 5 -0.14 11.20 1.33
N MET B 6 0.11 10.09 0.64
CA MET B 6 0.61 10.05 -0.75
C MET B 6 -0.44 9.36 -1.61
NA NA C . 12.51 0.61 -0.06
CL CL D . 10.53 7.07 8.13
C1 EDO E . 4.55 -12.07 10.19
O1 EDO E . 4.79 -13.31 9.52
C2 EDO E . 3.38 -12.21 11.08
O2 EDO E . 2.96 -11.05 11.73
C1 EDO F . -1.61 -2.95 -20.50
O1 EDO F . -2.86 -3.66 -20.45
C2 EDO F . -0.53 -3.56 -19.78
O2 EDO F . -0.71 -3.64 -18.38
C1 EDO G . 18.56 2.25 -10.56
O1 EDO G . 17.55 1.45 -9.99
C2 EDO G . 18.25 3.69 -10.71
O2 EDO G . 19.40 4.52 -10.92
C1 EDO H . 20.87 9.99 -5.67
O1 EDO H . 20.31 8.91 -6.44
C2 EDO H . 20.06 10.24 -4.45
O2 EDO H . 19.71 11.59 -4.08
C1 EDO I . -1.83 13.54 -12.09
O1 EDO I . -1.36 12.53 -12.99
C2 EDO I . -2.95 13.24 -11.11
O2 EDO I . -4.25 12.89 -11.64
#